data_1FBW
#
_entry.id   1FBW
#
_cell.length_a   61.380
_cell.length_b   84.920
_cell.length_c   121.820
_cell.angle_alpha   90.00
_cell.angle_beta   90.00
_cell.angle_gamma   90.00
#
_symmetry.space_group_name_H-M   'P 21 21 21'
#
loop_
_entity.id
_entity.type
_entity.pdbx_description
1 polymer 'ENDO-1,4-BETA-GLUCANASE F'
2 branched alpha-D-glucopyranose-(1-4)-alpha-D-glucopyranose-(1-4)-alpha-D-glucopyranose-(1-4)-alpha-D-glucopyranose-(1-4)-alpha-D-glucopyranose-(1-4)-alpha-D-glucopyranose
3 branched alpha-D-glucopyranose-(1-4)-alpha-D-glucopyranose-(1-4)-alpha-D-glucopyranose
4 non-polymer 'CALCIUM ION'
5 water water
#
_entity_poly.entity_id   1
_entity_poly.type   'polypeptide(L)'
_entity_poly.pdbx_seq_one_letter_code
;ASSPANKVYQDRFESMYSKIKDPANGYFSEQGIPYHSIETLMVEAPDYGHVTTSQAMSYYMWLEAMHGRFSGDFTGFDKS
WSVTEQYLIPTEKDQPNTSMSRYDANKPATYAPEFQDPSKYPSPLDTSQPVGRDPINSQLTSAYGTSMLYGMHWILDVDN
WYGFGARADGTSKPSYINTFQRGEQESTWETIPQPCWDEHKFGGQYGFLDLFTKDTGTPAKQFKYTNAPDADARAVQATY
WADQWAKEQGKSVSTSVGKATKMGDYLRYSFFDKYFRKIGQPSQAGTGYDAAHYLLSWYYAWGGGIDSTWSWIIGSSHNH
FGYQNPFAAWVLSTDANFKPKSSNGASDWAKSLDRQLEFYQWLQSAEGAIAGGATNSWNGRYEAVPSGTSTFYGMGYVEN
PVYADPGSNTWFGMQVWSMQRVAELYYKTGDARAKKLLDKWAKWINGEIKFNADGTFQIPSTIDWEGQPDTWNPTQGYTG
NANLHVKVVNYGTDLGCASSLANTLTYYAAKSGDETSRQNAQKLLDAMWNNYSDSKGISTVEQRGDYHRFLDQEVFVPAG
WTGKMPNGDVIKSGVKFIDIRSKYKQDPEWQTMVAALQAGQVPTQRLHRFWAQSEFAVANGVYAILFPD
;
_entity_poly.pdbx_strand_id   A
#
# COMPACT_ATOMS: atom_id res chain seq x y z
N ALA A 1 9.43 -8.31 32.11
CA ALA A 1 9.38 -9.72 31.61
C ALA A 1 8.12 -9.87 30.78
N SER A 2 8.22 -10.56 29.64
CA SER A 2 7.04 -10.75 28.80
C SER A 2 6.10 -11.80 29.39
N SER A 3 4.79 -11.56 29.26
CA SER A 3 3.77 -12.47 29.76
C SER A 3 3.79 -13.79 28.99
N PRO A 4 3.26 -14.87 29.59
CA PRO A 4 3.23 -16.20 28.96
C PRO A 4 2.44 -16.28 27.65
N ALA A 5 2.95 -17.01 26.67
CA ALA A 5 2.25 -17.17 25.40
C ALA A 5 1.88 -18.63 25.16
N ASN A 6 0.76 -18.87 24.48
CA ASN A 6 0.28 -20.21 24.16
C ASN A 6 1.34 -20.93 23.33
N LYS A 7 1.94 -21.97 23.90
CA LYS A 7 3.02 -22.75 23.26
C LYS A 7 2.75 -23.32 21.86
N VAL A 8 1.53 -23.80 21.62
CA VAL A 8 1.18 -24.35 20.32
C VAL A 8 1.32 -23.31 19.18
N TYR A 9 0.69 -22.15 19.35
CA TYR A 9 0.71 -21.10 18.35
C TYR A 9 2.04 -20.37 18.28
N GLN A 10 2.76 -20.31 19.40
CA GLN A 10 4.08 -19.71 19.38
C GLN A 10 5.02 -20.61 18.54
N ASP A 11 4.88 -21.93 18.68
CA ASP A 11 5.69 -22.88 17.92
C ASP A 11 5.42 -22.74 16.43
N ARG A 12 4.17 -22.47 16.08
CA ARG A 12 3.77 -22.30 14.69
C ARG A 12 4.39 -21.00 14.14
N PHE A 13 4.43 -19.95 14.96
CA PHE A 13 5.07 -18.72 14.50
C PHE A 13 6.54 -19.03 14.23
N GLU A 14 7.20 -19.67 15.20
CA GLU A 14 8.62 -20.00 15.08
C GLU A 14 8.94 -20.86 13.86
N SER A 15 8.09 -21.82 13.56
CA SER A 15 8.28 -22.69 12.39
C SER A 15 8.15 -21.87 11.09
N MET A 16 7.14 -21.00 11.00
CA MET A 16 6.94 -20.14 9.83
C MET A 16 8.11 -19.19 9.69
N TYR A 17 8.58 -18.64 10.81
CA TYR A 17 9.70 -17.71 10.76
C TYR A 17 10.91 -18.42 10.15
N SER A 18 11.15 -19.66 10.57
CA SER A 18 12.28 -20.44 10.04
C SER A 18 12.15 -20.70 8.55
N LYS A 19 10.94 -21.01 8.11
CA LYS A 19 10.69 -21.29 6.69
C LYS A 19 10.89 -20.03 5.86
N ILE A 20 10.46 -18.89 6.40
CA ILE A 20 10.59 -17.62 5.69
C ILE A 20 12.06 -17.15 5.60
N LYS A 21 12.84 -17.39 6.65
CA LYS A 21 14.25 -16.95 6.68
C LYS A 21 15.23 -17.97 6.09
N ASP A 22 14.74 -19.18 5.84
CA ASP A 22 15.55 -20.26 5.31
C ASP A 22 16.11 -19.88 3.92
N PRO A 23 17.44 -19.75 3.80
CA PRO A 23 18.14 -19.40 2.54
C PRO A 23 17.72 -20.29 1.38
N ALA A 24 17.49 -21.57 1.68
CA ALA A 24 17.09 -22.53 0.68
C ALA A 24 15.70 -22.29 0.10
N ASN A 25 14.87 -21.51 0.79
CA ASN A 25 13.51 -21.23 0.29
C ASN A 25 13.42 -20.08 -0.71
N GLY A 26 14.39 -19.16 -0.69
CA GLY A 26 14.42 -18.06 -1.64
C GLY A 26 13.45 -16.90 -1.51
N TYR A 27 13.05 -16.56 -0.30
CA TYR A 27 12.16 -15.42 -0.10
C TYR A 27 12.96 -14.12 -0.17
N PHE A 28 14.27 -14.22 0.07
CA PHE A 28 15.13 -13.04 0.07
C PHE A 28 16.20 -13.05 -1.02
N SER A 29 16.58 -11.85 -1.46
CA SER A 29 17.62 -11.66 -2.48
C SER A 29 19.00 -11.75 -1.81
N GLU A 30 20.07 -11.68 -2.62
CA GLU A 30 21.43 -11.74 -2.08
C GLU A 30 21.73 -10.57 -1.14
N GLN A 31 21.11 -9.41 -1.40
CA GLN A 31 21.30 -8.24 -0.56
C GLN A 31 20.40 -8.19 0.68
N GLY A 32 19.65 -9.26 0.94
CA GLY A 32 18.77 -9.30 2.11
C GLY A 32 17.42 -8.61 1.99
N ILE A 33 16.95 -8.39 0.76
CA ILE A 33 15.67 -7.73 0.47
C ILE A 33 14.62 -8.79 0.15
N PRO A 34 13.44 -8.75 0.82
CA PRO A 34 12.40 -9.75 0.54
C PRO A 34 11.73 -9.49 -0.81
N TYR A 35 11.46 -10.54 -1.57
CA TYR A 35 10.79 -10.42 -2.86
C TYR A 35 9.28 -10.41 -2.63
N HIS A 36 8.52 -9.95 -3.63
CA HIS A 36 7.06 -9.97 -3.52
C HIS A 36 6.62 -11.43 -3.38
N SER A 37 7.23 -12.32 -4.16
CA SER A 37 6.93 -13.75 -4.10
C SER A 37 8.13 -14.58 -4.53
N ILE A 38 8.22 -15.81 -4.04
CA ILE A 38 9.31 -16.71 -4.42
C ILE A 38 9.25 -16.90 -5.93
N GLU A 39 8.04 -17.18 -6.43
CA GLU A 39 7.79 -17.40 -7.87
C GLU A 39 7.92 -16.10 -8.65
N THR A 40 8.57 -16.16 -9.81
CA THR A 40 8.78 -14.98 -10.65
C THR A 40 7.65 -14.61 -11.62
N LEU A 41 6.92 -15.60 -12.14
CA LEU A 41 5.80 -15.36 -13.07
C LEU A 41 4.68 -14.84 -12.19
N MET A 42 4.63 -13.53 -12.04
CA MET A 42 3.71 -12.92 -11.09
C MET A 42 3.26 -11.52 -11.50
N VAL A 43 1.96 -11.38 -11.80
CA VAL A 43 1.39 -10.07 -12.18
C VAL A 43 0.04 -9.88 -11.44
N GLU A 44 -0.08 -8.81 -10.66
CA GLU A 44 -1.32 -8.51 -9.92
C GLU A 44 -1.38 -7.06 -9.39
N ALA A 45 -0.25 -6.54 -8.95
CA ALA A 45 -0.12 -5.14 -8.47
C ALA A 45 1.30 -4.96 -9.06
N PRO A 46 2.34 -5.62 -8.48
CA PRO A 46 3.63 -5.45 -9.17
C PRO A 46 3.45 -6.38 -10.42
N ASP A 47 4.33 -6.29 -11.42
CA ASP A 47 4.22 -7.12 -12.62
C ASP A 47 5.34 -8.13 -12.82
N TYR A 48 6.11 -8.36 -11.75
CA TYR A 48 7.23 -9.31 -11.75
C TYR A 48 7.38 -9.77 -10.30
N GLY A 49 7.57 -11.06 -10.10
CA GLY A 49 7.67 -11.57 -8.76
C GLY A 49 8.87 -11.16 -7.95
N HIS A 50 9.99 -10.87 -8.63
CA HIS A 50 11.20 -10.50 -7.91
C HIS A 50 11.50 -9.02 -7.71
N VAL A 51 10.45 -8.21 -7.73
CA VAL A 51 10.59 -6.82 -7.36
C VAL A 51 10.30 -6.89 -5.83
N THR A 52 10.57 -5.82 -5.10
CA THR A 52 10.17 -5.75 -3.70
C THR A 52 9.24 -4.53 -3.64
N THR A 53 8.45 -4.42 -2.58
CA THR A 53 7.55 -3.29 -2.44
C THR A 53 7.67 -2.75 -1.02
N SER A 54 7.24 -1.51 -0.79
CA SER A 54 7.32 -0.97 0.57
C SER A 54 6.36 -1.80 1.46
N GLN A 55 5.36 -2.40 0.84
CA GLN A 55 4.41 -3.26 1.55
C GLN A 55 5.15 -4.47 2.13
N ALA A 56 5.95 -5.13 1.29
CA ALA A 56 6.75 -6.27 1.73
C ALA A 56 7.73 -5.89 2.86
N MET A 57 8.41 -4.75 2.74
CA MET A 57 9.34 -4.33 3.80
C MET A 57 8.63 -4.09 5.13
N SER A 58 7.42 -3.51 5.10
CA SER A 58 6.68 -3.24 6.32
C SER A 58 6.22 -4.54 6.99
N TYR A 59 5.98 -5.57 6.19
CA TYR A 59 5.62 -6.89 6.72
C TYR A 59 6.87 -7.60 7.27
N TYR A 60 8.01 -7.31 6.67
CA TYR A 60 9.29 -7.89 7.10
C TYR A 60 9.57 -7.32 8.50
N MET A 61 9.22 -6.04 8.71
CA MET A 61 9.41 -5.39 10.01
C MET A 61 8.51 -6.04 11.07
N TRP A 62 7.25 -6.26 10.70
CA TRP A 62 6.27 -6.84 11.59
C TRP A 62 6.68 -8.24 12.03
N LEU A 63 7.13 -9.03 11.07
CA LEU A 63 7.59 -10.40 11.32
C LEU A 63 8.79 -10.42 12.29
N GLU A 64 9.78 -9.56 12.07
CA GLU A 64 10.97 -9.50 12.94
C GLU A 64 10.69 -9.01 14.34
N ALA A 65 9.74 -8.09 14.45
CA ALA A 65 9.31 -7.55 15.73
C ALA A 65 8.73 -8.70 16.54
N MET A 66 7.88 -9.50 15.90
CA MET A 66 7.25 -10.67 16.53
C MET A 66 8.29 -11.72 16.91
N HIS A 67 9.32 -11.90 16.09
CA HIS A 67 10.38 -12.84 16.42
C HIS A 67 11.14 -12.36 17.66
N GLY A 68 11.33 -11.05 17.76
CA GLY A 68 12.01 -10.47 18.92
C GLY A 68 11.21 -10.73 20.19
N ARG A 69 9.89 -10.67 20.07
CA ARG A 69 8.99 -10.90 21.19
C ARG A 69 9.15 -12.29 21.79
N PHE A 70 9.34 -13.29 20.92
CA PHE A 70 9.47 -14.68 21.36
C PHE A 70 10.91 -15.13 21.57
N SER A 71 11.88 -14.50 20.92
CA SER A 71 13.26 -14.92 21.06
C SER A 71 14.11 -14.01 21.93
N GLY A 72 13.64 -12.80 22.17
CA GLY A 72 14.41 -11.83 22.95
C GLY A 72 15.52 -11.20 22.08
N ASP A 73 15.59 -11.58 20.81
CA ASP A 73 16.59 -11.07 19.87
C ASP A 73 15.93 -10.10 18.88
N PHE A 74 16.28 -8.83 18.98
CA PHE A 74 15.71 -7.81 18.10
C PHE A 74 16.67 -7.31 17.03
N THR A 75 17.85 -7.94 16.92
CA THR A 75 18.82 -7.53 15.91
C THR A 75 18.22 -7.71 14.51
N GLY A 76 17.31 -8.68 14.36
CA GLY A 76 16.65 -8.91 13.09
C GLY A 76 15.72 -7.76 12.73
N PHE A 77 15.09 -7.19 13.75
CA PHE A 77 14.18 -6.07 13.55
C PHE A 77 14.99 -4.82 13.15
N ASP A 78 16.11 -4.59 13.82
CA ASP A 78 16.97 -3.46 13.49
C ASP A 78 17.52 -3.59 12.05
N LYS A 79 17.80 -4.82 11.63
CA LYS A 79 18.32 -5.05 10.28
C LYS A 79 17.25 -4.77 9.24
N SER A 80 15.99 -5.07 9.55
CA SER A 80 14.92 -4.80 8.60
C SER A 80 14.84 -3.29 8.33
N TRP A 81 15.09 -2.48 9.36
CA TRP A 81 15.07 -1.03 9.20
C TRP A 81 16.33 -0.54 8.47
N SER A 82 17.45 -1.20 8.72
CA SER A 82 18.70 -0.86 8.08
C SER A 82 18.59 -1.11 6.56
N VAL A 83 18.01 -2.25 6.18
CA VAL A 83 17.81 -2.57 4.76
C VAL A 83 16.85 -1.58 4.09
N THR A 84 15.79 -1.23 4.80
CA THR A 84 14.79 -0.28 4.29
C THR A 84 15.43 1.09 3.98
N GLU A 85 16.19 1.64 4.93
CA GLU A 85 16.83 2.95 4.76
C GLU A 85 17.88 2.95 3.65
N GLN A 86 18.60 1.86 3.54
CA GLN A 86 19.64 1.73 2.54
C GLN A 86 19.11 1.59 1.11
N TYR A 87 18.04 0.81 0.97
CA TYR A 87 17.48 0.48 -0.34
C TYR A 87 16.13 1.02 -0.80
N LEU A 88 15.22 1.36 0.11
CA LEU A 88 13.92 1.85 -0.33
C LEU A 88 13.62 3.32 -0.08
N ILE A 89 14.41 3.96 0.77
CA ILE A 89 14.23 5.39 1.04
C ILE A 89 15.35 6.05 0.23
N PRO A 90 14.99 6.83 -0.82
CA PRO A 90 16.02 7.47 -1.65
C PRO A 90 17.10 8.18 -0.85
N THR A 91 18.36 7.80 -1.12
CA THR A 91 19.51 8.40 -0.43
C THR A 91 19.79 9.80 -0.99
N GLU A 92 20.85 10.46 -0.52
CA GLU A 92 21.18 11.80 -1.01
C GLU A 92 21.60 11.81 -2.49
N LYS A 93 22.09 10.68 -3.00
CA LYS A 93 22.46 10.56 -4.41
C LYS A 93 21.21 10.36 -5.28
N ASP A 94 20.14 9.85 -4.68
CA ASP A 94 18.88 9.57 -5.38
C ASP A 94 17.89 10.74 -5.45
N GLN A 95 17.93 11.62 -4.46
CA GLN A 95 17.07 12.81 -4.44
C GLN A 95 17.98 13.96 -3.99
N PRO A 96 18.95 14.34 -4.86
CA PRO A 96 19.91 15.42 -4.58
C PRO A 96 19.32 16.63 -3.87
N ASN A 97 19.85 16.94 -2.69
CA ASN A 97 19.37 18.09 -1.92
C ASN A 97 19.58 19.42 -2.68
N THR A 98 20.48 19.45 -3.66
CA THR A 98 20.67 20.66 -4.47
C THR A 98 19.36 20.97 -5.20
N SER A 99 18.65 19.92 -5.61
CA SER A 99 17.35 20.10 -6.28
C SER A 99 16.20 20.23 -5.28
N MET A 100 16.21 19.42 -4.22
CA MET A 100 15.14 19.47 -3.21
C MET A 100 15.07 20.79 -2.44
N SER A 101 16.22 21.41 -2.18
CA SER A 101 16.27 22.69 -1.47
C SER A 101 15.74 23.84 -2.33
N ARG A 102 15.51 23.59 -3.61
CA ARG A 102 14.96 24.63 -4.49
C ARG A 102 13.42 24.56 -4.53
N TYR A 103 12.87 23.69 -3.71
CA TYR A 103 11.43 23.50 -3.61
C TYR A 103 10.75 24.80 -3.15
N ASP A 104 9.68 25.19 -3.80
CA ASP A 104 8.94 26.41 -3.47
C ASP A 104 7.62 26.01 -2.80
N ALA A 105 7.52 26.20 -1.48
CA ALA A 105 6.31 25.82 -0.72
C ALA A 105 5.06 26.61 -1.10
N ASN A 106 5.23 27.74 -1.78
CA ASN A 106 4.09 28.52 -2.22
C ASN A 106 3.57 28.11 -3.59
N LYS A 107 4.31 27.21 -4.26
CA LYS A 107 3.90 26.68 -5.56
C LYS A 107 4.53 25.29 -5.62
N PRO A 108 4.00 24.34 -4.83
CA PRO A 108 4.49 22.96 -4.74
C PRO A 108 4.67 22.20 -6.06
N ALA A 109 3.77 22.41 -7.01
CA ALA A 109 3.84 21.71 -8.28
C ALA A 109 2.99 22.42 -9.33
N THR A 110 3.00 21.90 -10.54
CA THR A 110 2.21 22.44 -11.63
C THR A 110 1.06 21.47 -11.90
N TYR A 111 -0.14 22.01 -12.08
CA TYR A 111 -1.33 21.21 -12.34
C TYR A 111 -1.34 20.54 -13.73
N ALA A 112 -1.88 19.32 -13.75
CA ALA A 112 -2.07 18.53 -14.97
C ALA A 112 -3.32 17.68 -14.68
N PRO A 113 -4.23 17.58 -15.65
CA PRO A 113 -5.43 16.78 -15.42
C PRO A 113 -5.17 15.28 -15.47
N GLU A 114 -6.07 14.51 -14.84
CA GLU A 114 -6.01 13.06 -14.87
C GLU A 114 -7.11 12.68 -15.88
N PHE A 115 -6.91 11.60 -16.62
CA PHE A 115 -7.89 11.13 -17.61
C PHE A 115 -8.41 9.73 -17.31
N GLN A 116 -9.58 9.40 -17.84
CA GLN A 116 -10.20 8.10 -17.59
C GLN A 116 -9.80 6.98 -18.56
N ASP A 117 -8.93 7.30 -19.51
CA ASP A 117 -8.42 6.29 -20.41
C ASP A 117 -6.96 6.56 -20.70
N PRO A 118 -6.11 5.52 -20.68
CA PRO A 118 -4.68 5.68 -20.94
C PRO A 118 -4.32 6.35 -22.27
N SER A 119 -5.21 6.25 -23.26
CA SER A 119 -4.92 6.80 -24.58
C SER A 119 -4.96 8.32 -24.63
N LYS A 120 -5.37 8.94 -23.53
CA LYS A 120 -5.42 10.38 -23.44
C LYS A 120 -4.12 10.99 -22.91
N TYR A 121 -3.19 10.12 -22.51
CA TYR A 121 -1.91 10.55 -22.00
C TYR A 121 -0.95 10.64 -23.18
N PRO A 122 0.09 11.48 -23.11
CA PRO A 122 0.50 12.37 -22.01
C PRO A 122 -0.43 13.51 -21.62
N SER A 123 -0.50 13.77 -20.32
CA SER A 123 -1.33 14.83 -19.76
C SER A 123 -0.60 16.18 -19.83
N PRO A 124 -1.28 17.24 -20.33
CA PRO A 124 -0.60 18.54 -20.43
C PRO A 124 -0.57 19.39 -19.16
N LEU A 125 0.63 19.82 -18.78
CA LEU A 125 0.82 20.69 -17.63
C LEU A 125 0.24 22.08 -17.95
N ASP A 126 -0.40 22.70 -16.99
CA ASP A 126 -0.97 24.01 -17.21
C ASP A 126 -0.59 24.90 -16.03
N THR A 127 0.38 25.79 -16.24
CA THR A 127 0.81 26.69 -15.18
C THR A 127 -0.26 27.69 -14.73
N SER A 128 -1.33 27.86 -15.51
CA SER A 128 -2.39 28.81 -15.14
C SER A 128 -3.43 28.33 -14.13
N GLN A 129 -3.51 27.03 -13.90
CA GLN A 129 -4.46 26.49 -12.91
C GLN A 129 -3.94 26.69 -11.48
N PRO A 130 -4.82 27.06 -10.53
CA PRO A 130 -4.40 27.28 -9.14
C PRO A 130 -3.79 26.08 -8.44
N VAL A 131 -2.82 26.35 -7.56
CA VAL A 131 -2.21 25.31 -6.74
C VAL A 131 -2.04 26.01 -5.38
N GLY A 132 -2.40 25.32 -4.30
CA GLY A 132 -2.31 25.91 -2.97
C GLY A 132 -0.92 25.85 -2.36
N ARG A 133 -0.77 26.34 -1.13
CA ARG A 133 0.54 26.29 -0.51
C ARG A 133 0.69 25.19 0.49
N ASP A 134 1.93 24.73 0.57
CA ASP A 134 2.35 23.64 1.44
C ASP A 134 2.70 24.22 2.80
N PRO A 135 1.91 23.89 3.83
CA PRO A 135 2.19 24.41 5.16
C PRO A 135 3.15 23.58 6.02
N ILE A 136 3.49 22.36 5.61
CA ILE A 136 4.36 21.54 6.46
C ILE A 136 5.84 21.47 6.12
N ASN A 137 6.23 21.86 4.90
CA ASN A 137 7.63 21.79 4.48
C ASN A 137 8.57 22.52 5.42
N SER A 138 8.17 23.70 5.88
CA SER A 138 9.01 24.48 6.78
C SER A 138 9.18 23.82 8.15
N GLN A 139 8.18 23.05 8.57
CA GLN A 139 8.27 22.33 9.85
C GLN A 139 9.30 21.19 9.73
N LEU A 140 9.31 20.54 8.57
CA LEU A 140 10.19 19.41 8.29
C LEU A 140 11.64 19.80 8.05
N THR A 141 11.88 20.85 7.26
CA THR A 141 13.25 21.28 7.00
C THR A 141 13.88 21.83 8.28
N SER A 142 13.07 22.49 9.10
CA SER A 142 13.55 23.04 10.37
C SER A 142 13.89 21.95 11.38
N ALA A 143 13.09 20.89 11.43
CA ALA A 143 13.33 19.80 12.35
C ALA A 143 14.45 18.86 11.93
N TYR A 144 14.53 18.56 10.64
CA TYR A 144 15.51 17.61 10.15
C TYR A 144 16.72 18.17 9.42
N GLY A 145 16.69 19.45 9.11
CA GLY A 145 17.83 20.09 8.47
C GLY A 145 18.18 19.60 7.08
N THR A 146 17.18 19.22 6.30
CA THR A 146 17.39 18.77 4.93
C THR A 146 16.07 18.96 4.21
N SER A 147 16.13 19.06 2.87
CA SER A 147 14.91 19.18 2.08
C SER A 147 14.50 17.83 1.49
N MET A 148 15.35 16.82 1.68
CA MET A 148 15.06 15.46 1.21
C MET A 148 13.88 14.91 2.03
N LEU A 149 13.07 14.02 1.43
CA LEU A 149 11.92 13.44 2.13
C LEU A 149 12.27 12.06 2.68
N TYR A 150 11.79 11.76 3.88
CA TYR A 150 12.08 10.47 4.46
C TYR A 150 10.84 9.57 4.44
N GLY A 151 10.67 8.88 3.33
CA GLY A 151 9.53 7.97 3.16
C GLY A 151 9.96 6.93 2.14
N MET A 152 9.33 5.77 2.16
CA MET A 152 9.70 4.71 1.23
C MET A 152 9.10 4.87 -0.16
N HIS A 153 9.92 4.68 -1.20
CA HIS A 153 9.42 4.64 -2.57
C HIS A 153 8.75 3.25 -2.59
N TRP A 154 7.65 3.09 -3.32
CA TRP A 154 6.87 1.86 -3.25
C TRP A 154 7.32 0.57 -3.89
N ILE A 155 8.15 0.64 -4.93
CA ILE A 155 8.58 -0.58 -5.60
C ILE A 155 10.06 -0.51 -6.03
N LEU A 156 10.73 -1.66 -6.02
CA LEU A 156 12.15 -1.72 -6.35
C LEU A 156 12.45 -2.97 -7.18
N ASP A 157 13.15 -2.80 -8.30
CA ASP A 157 13.53 -3.94 -9.16
C ASP A 157 14.85 -4.45 -8.52
N VAL A 158 14.70 -5.37 -7.56
CA VAL A 158 15.79 -5.91 -6.74
C VAL A 158 17.00 -6.48 -7.46
N ASP A 159 16.77 -7.26 -8.51
CA ASP A 159 17.89 -7.85 -9.23
C ASP A 159 18.12 -7.27 -10.61
N ASN A 160 17.57 -6.08 -10.82
CA ASN A 160 17.72 -5.36 -12.09
C ASN A 160 17.22 -6.17 -13.28
N TRP A 161 16.04 -6.77 -13.14
CA TRP A 161 15.45 -7.59 -14.18
C TRP A 161 15.11 -6.77 -15.43
N TYR A 162 14.64 -5.54 -15.21
CA TYR A 162 14.31 -4.63 -16.31
C TYR A 162 15.55 -4.01 -16.97
N GLY A 163 16.66 -3.94 -16.25
CA GLY A 163 17.90 -3.41 -16.82
C GLY A 163 18.19 -1.92 -16.74
N PHE A 164 17.41 -1.15 -15.98
CA PHE A 164 17.68 0.28 -15.85
C PHE A 164 18.87 0.57 -14.94
N GLY A 165 19.21 -0.37 -14.07
CA GLY A 165 20.32 -0.18 -13.17
C GLY A 165 20.06 0.90 -12.14
N ALA A 166 21.12 1.41 -11.52
CA ALA A 166 20.99 2.47 -10.52
C ALA A 166 21.42 3.78 -11.14
N ARG A 167 20.56 4.78 -11.07
CA ARG A 167 20.81 6.10 -11.61
C ARG A 167 21.34 6.08 -13.05
N ALA A 168 20.65 5.30 -13.89
CA ALA A 168 20.93 5.14 -15.32
C ALA A 168 22.18 4.38 -15.76
N ASP A 169 22.80 3.61 -14.87
CA ASP A 169 24.00 2.87 -15.24
C ASP A 169 23.73 1.55 -15.94
N GLY A 170 22.48 1.08 -15.87
CA GLY A 170 22.08 -0.16 -16.49
C GLY A 170 22.57 -1.48 -15.91
N THR A 171 23.48 -1.46 -14.95
CA THR A 171 24.07 -2.68 -14.38
C THR A 171 23.95 -2.90 -12.88
N SER A 172 23.82 -1.83 -12.11
CA SER A 172 23.73 -1.94 -10.67
C SER A 172 22.37 -2.43 -10.18
N LYS A 173 22.37 -2.93 -8.95
CA LYS A 173 21.14 -3.39 -8.33
C LYS A 173 21.19 -2.97 -6.86
N PRO A 174 20.02 -2.68 -6.26
CA PRO A 174 18.70 -2.71 -6.89
C PRO A 174 18.45 -1.46 -7.74
N SER A 175 17.35 -1.50 -8.49
CA SER A 175 17.00 -0.43 -9.40
C SER A 175 15.62 0.16 -9.04
N TYR A 176 15.58 1.48 -8.81
CA TYR A 176 14.33 2.17 -8.52
C TYR A 176 13.53 2.31 -9.81
N ILE A 177 12.34 1.74 -9.84
CA ILE A 177 11.49 1.83 -11.02
C ILE A 177 10.10 2.24 -10.58
N ASN A 178 9.27 2.60 -11.55
CA ASN A 178 7.86 2.90 -11.29
C ASN A 178 7.09 2.32 -12.49
N THR A 179 5.78 2.14 -12.32
CA THR A 179 4.94 1.60 -13.39
C THR A 179 3.73 2.46 -13.69
N PHE A 180 2.76 2.46 -12.76
CA PHE A 180 1.52 3.22 -12.94
C PHE A 180 1.75 4.71 -13.13
N GLN A 181 1.17 5.26 -14.18
CA GLN A 181 1.28 6.69 -14.52
C GLN A 181 0.03 7.23 -15.22
N ARG A 182 -0.83 6.35 -15.72
CA ARG A 182 -1.95 6.81 -16.54
C ARG A 182 -3.42 6.62 -16.14
N GLY A 183 -3.74 6.99 -14.90
CA GLY A 183 -5.12 6.93 -14.45
C GLY A 183 -5.77 5.63 -14.07
N GLU A 184 -7.06 5.76 -13.73
CA GLU A 184 -7.91 4.68 -13.27
C GLU A 184 -8.09 3.48 -14.19
N GLN A 185 -7.95 3.68 -15.49
CA GLN A 185 -8.08 2.54 -16.39
C GLN A 185 -6.76 1.86 -16.73
N GLU A 186 -5.67 2.34 -16.18
CA GLU A 186 -4.39 1.69 -16.45
C GLU A 186 -4.12 0.60 -15.42
N SER A 187 -4.46 -0.64 -15.75
CA SER A 187 -4.23 -1.78 -14.85
C SER A 187 -2.73 -2.11 -14.90
N THR A 188 -2.30 -3.09 -14.11
CA THR A 188 -0.91 -3.53 -14.08
C THR A 188 -0.47 -4.06 -15.44
N TRP A 189 -1.43 -4.50 -16.24
CA TRP A 189 -1.16 -5.05 -17.57
C TRP A 189 -0.97 -3.98 -18.64
N GLU A 190 -1.29 -2.75 -18.29
CA GLU A 190 -1.26 -1.65 -19.24
C GLU A 190 -0.22 -0.57 -19.07
N THR A 191 0.73 -0.83 -18.19
CA THR A 191 1.79 0.13 -17.88
C THR A 191 3.02 -0.03 -18.78
N ILE A 192 3.90 0.97 -18.75
CA ILE A 192 5.16 0.89 -19.47
C ILE A 192 6.16 1.16 -18.34
N PRO A 193 6.80 0.11 -17.79
CA PRO A 193 7.76 0.26 -16.69
C PRO A 193 8.83 1.28 -17.03
N GLN A 194 9.12 2.18 -16.10
CA GLN A 194 10.08 3.23 -16.33
C GLN A 194 10.97 3.48 -15.11
N PRO A 195 12.19 4.01 -15.33
CA PRO A 195 13.09 4.26 -14.19
C PRO A 195 12.70 5.52 -13.44
N CYS A 196 12.91 5.51 -12.13
CA CYS A 196 12.62 6.71 -11.33
C CYS A 196 13.62 7.82 -11.68
N TRP A 197 14.86 7.43 -12.00
CA TRP A 197 15.92 8.36 -12.37
C TRP A 197 16.03 8.32 -13.90
N ASP A 198 15.47 9.34 -14.54
CA ASP A 198 15.45 9.42 -16.00
C ASP A 198 16.41 10.43 -16.59
N GLU A 199 17.51 9.93 -17.14
CA GLU A 199 18.50 10.77 -17.81
C GLU A 199 18.38 10.65 -19.34
N HIS A 200 17.29 10.04 -19.81
CA HIS A 200 17.02 9.84 -21.23
C HIS A 200 17.94 8.79 -21.85
N LYS A 201 18.56 7.93 -21.03
CA LYS A 201 19.45 6.90 -21.58
C LYS A 201 18.70 5.69 -22.13
N PHE A 202 17.47 5.49 -21.67
CA PHE A 202 16.65 4.37 -22.12
C PHE A 202 15.30 4.91 -22.55
N GLY A 203 14.56 4.10 -23.29
CA GLY A 203 13.25 4.52 -23.75
C GLY A 203 13.33 5.25 -25.07
N GLY A 204 12.76 6.45 -25.10
CA GLY A 204 12.75 7.24 -26.31
C GLY A 204 13.75 8.37 -26.25
N GLN A 205 13.58 9.32 -27.16
CA GLN A 205 14.45 10.49 -27.24
C GLN A 205 14.62 11.22 -25.90
N TYR A 206 13.54 11.34 -25.15
CA TYR A 206 13.54 11.98 -23.84
C TYR A 206 13.21 10.98 -22.74
N GLY A 207 13.79 9.78 -22.86
CA GLY A 207 13.53 8.74 -21.89
C GLY A 207 12.09 8.28 -21.97
N PHE A 208 11.42 8.18 -20.83
CA PHE A 208 10.02 7.76 -20.82
C PHE A 208 9.09 8.90 -20.44
N LEU A 209 9.68 10.06 -20.17
CA LEU A 209 8.93 11.22 -19.69
C LEU A 209 7.71 11.72 -20.49
N ASP A 210 7.88 11.87 -21.80
CA ASP A 210 6.81 12.36 -22.65
C ASP A 210 5.69 11.38 -23.01
N LEU A 211 5.74 10.19 -22.42
CA LEU A 211 4.65 9.21 -22.58
C LEU A 211 3.53 9.59 -21.59
N PHE A 212 3.90 10.25 -20.50
CA PHE A 212 2.98 10.57 -19.40
C PHE A 212 2.63 12.03 -19.11
N THR A 213 3.60 12.92 -19.27
CA THR A 213 3.38 14.34 -19.03
C THR A 213 3.88 15.16 -20.24
N LYS A 214 3.14 16.20 -20.57
CA LYS A 214 3.52 17.04 -21.69
C LYS A 214 3.75 18.46 -21.17
N ASP A 215 4.95 18.97 -21.41
CA ASP A 215 5.31 20.32 -20.99
C ASP A 215 5.51 21.17 -22.24
N THR A 216 5.50 22.49 -22.08
CA THR A 216 5.71 23.40 -23.22
C THR A 216 7.09 23.26 -23.86
N GLY A 217 8.11 23.02 -23.02
CA GLY A 217 9.45 22.88 -23.56
C GLY A 217 9.93 21.47 -23.76
N THR A 218 11.25 21.33 -23.88
CA THR A 218 11.85 20.01 -24.06
C THR A 218 11.98 19.38 -22.65
N PRO A 219 11.64 18.08 -22.51
CA PRO A 219 11.71 17.41 -21.21
C PRO A 219 13.10 17.41 -20.55
N ALA A 220 13.15 17.76 -19.26
CA ALA A 220 14.43 17.77 -18.55
C ALA A 220 14.74 16.40 -17.96
N LYS A 221 16.02 16.13 -17.73
CA LYS A 221 16.42 14.89 -17.06
C LYS A 221 15.91 15.11 -15.63
N GLN A 222 15.27 14.11 -15.06
CA GLN A 222 14.68 14.29 -13.75
C GLN A 222 14.43 12.97 -13.01
N PHE A 223 14.27 13.08 -11.69
CA PHE A 223 13.97 11.96 -10.81
C PHE A 223 12.58 12.17 -10.18
N LYS A 224 11.98 11.09 -9.71
CA LYS A 224 10.66 11.15 -9.06
C LYS A 224 10.37 9.84 -8.37
N TYR A 225 9.77 9.94 -7.19
CA TYR A 225 9.43 8.77 -6.38
C TYR A 225 7.98 8.88 -5.90
N THR A 226 7.38 7.75 -5.54
CA THR A 226 6.00 7.73 -5.06
C THR A 226 5.89 6.83 -3.83
N ASN A 227 5.27 7.38 -2.79
CA ASN A 227 5.05 6.67 -1.55
C ASN A 227 3.73 5.86 -1.59
N ALA A 228 3.67 4.78 -0.81
CA ALA A 228 2.44 3.98 -0.67
C ALA A 228 2.18 4.19 0.82
N PRO A 229 1.34 5.18 1.17
CA PRO A 229 1.02 5.52 2.57
C PRO A 229 0.67 4.41 3.54
N ASP A 230 -0.09 3.41 3.09
CA ASP A 230 -0.44 2.32 3.98
C ASP A 230 0.78 1.49 4.43
N ALA A 231 1.83 1.44 3.58
CA ALA A 231 3.07 0.73 3.91
C ALA A 231 3.87 1.47 5.00
N ASP A 232 4.06 2.77 4.83
CA ASP A 232 4.79 3.56 5.83
C ASP A 232 4.03 3.58 7.16
N ALA A 233 2.71 3.60 7.11
CA ALA A 233 1.91 3.60 8.34
C ALA A 233 2.06 2.23 9.03
N ARG A 234 2.10 1.15 8.25
CA ARG A 234 2.29 -0.18 8.84
C ARG A 234 3.71 -0.26 9.47
N ALA A 235 4.69 0.47 8.93
CA ALA A 235 6.05 0.47 9.50
C ALA A 235 6.03 1.06 10.90
N VAL A 236 5.22 2.11 11.11
CA VAL A 236 5.09 2.75 12.42
C VAL A 236 4.39 1.79 13.40
N GLN A 237 3.31 1.18 12.94
CA GLN A 237 2.53 0.21 13.73
C GLN A 237 3.43 -0.95 14.21
N ALA A 238 4.21 -1.54 13.32
CA ALA A 238 5.10 -2.65 13.67
C ALA A 238 6.20 -2.22 14.62
N THR A 239 6.70 -1.01 14.44
CA THR A 239 7.78 -0.50 15.27
C THR A 239 7.30 -0.20 16.68
N TYR A 240 6.06 0.24 16.81
CA TYR A 240 5.46 0.51 18.12
C TYR A 240 5.42 -0.80 18.90
N TRP A 241 5.03 -1.90 18.24
CA TRP A 241 4.98 -3.19 18.91
C TRP A 241 6.39 -3.70 19.23
N ALA A 242 7.35 -3.48 18.33
CA ALA A 242 8.73 -3.91 18.59
C ALA A 242 9.23 -3.19 19.85
N ASP A 243 8.89 -1.91 19.99
CA ASP A 243 9.30 -1.10 21.13
C ASP A 243 8.68 -1.63 22.45
N GLN A 244 7.40 -1.95 22.42
CA GLN A 244 6.68 -2.47 23.58
C GLN A 244 7.29 -3.78 24.04
N TRP A 245 7.43 -4.72 23.10
CA TRP A 245 7.95 -6.05 23.39
C TRP A 245 9.41 -6.03 23.84
N ALA A 246 10.20 -5.14 23.26
CA ALA A 246 11.60 -5.02 23.64
C ALA A 246 11.68 -4.49 25.08
N LYS A 247 10.88 -3.46 25.39
CA LYS A 247 10.88 -2.87 26.74
C LYS A 247 10.46 -3.88 27.80
N GLU A 248 9.57 -4.79 27.43
CA GLU A 248 9.11 -5.83 28.35
C GLU A 248 10.24 -6.79 28.71
N GLN A 249 11.27 -6.82 27.87
CA GLN A 249 12.42 -7.70 28.08
C GLN A 249 13.72 -6.98 28.44
N GLY A 250 13.62 -5.72 28.83
CA GLY A 250 14.80 -4.95 29.19
C GLY A 250 15.70 -4.62 28.01
N LYS A 251 15.19 -4.83 26.80
CA LYS A 251 15.91 -4.56 25.54
C LYS A 251 15.47 -3.21 24.94
N SER A 252 16.15 -2.79 23.88
CA SER A 252 15.84 -1.51 23.25
C SER A 252 16.00 -1.50 21.74
N VAL A 253 15.08 -0.84 21.04
CA VAL A 253 15.17 -0.69 19.59
C VAL A 253 15.02 0.79 19.34
N SER A 254 15.71 1.55 20.18
CA SER A 254 15.68 3.01 20.13
C SER A 254 15.98 3.64 18.77
N THR A 255 17.06 3.22 18.11
CA THR A 255 17.41 3.79 16.81
C THR A 255 16.32 3.57 15.76
N SER A 256 15.66 2.41 15.84
CA SER A 256 14.57 2.10 14.92
C SER A 256 13.33 2.96 15.20
N VAL A 257 13.08 3.25 16.47
CA VAL A 257 11.95 4.08 16.87
C VAL A 257 12.12 5.49 16.26
N GLY A 258 13.36 6.00 16.27
CA GLY A 258 13.64 7.31 15.69
C GLY A 258 13.37 7.40 14.20
N LYS A 259 13.68 6.32 13.48
CA LYS A 259 13.43 6.26 12.04
C LYS A 259 11.92 6.20 11.76
N ALA A 260 11.20 5.38 12.53
CA ALA A 260 9.76 5.25 12.37
C ALA A 260 9.03 6.57 12.67
N THR A 261 9.50 7.28 13.69
CA THR A 261 8.90 8.55 14.06
C THR A 261 9.14 9.59 12.96
N LYS A 262 10.34 9.58 12.37
CA LYS A 262 10.65 10.51 11.28
C LYS A 262 9.80 10.16 10.05
N MET A 263 9.66 8.87 9.76
CA MET A 263 8.83 8.41 8.64
C MET A 263 7.38 8.91 8.83
N GLY A 264 6.84 8.78 10.04
CA GLY A 264 5.47 9.23 10.32
C GLY A 264 5.30 10.72 10.18
N ASP A 265 6.38 11.48 10.40
CA ASP A 265 6.37 12.93 10.28
C ASP A 265 6.23 13.33 8.80
N TYR A 266 7.00 12.67 7.91
CA TYR A 266 6.91 12.93 6.48
C TYR A 266 5.64 12.37 5.86
N LEU A 267 5.07 11.34 6.51
CA LEU A 267 3.85 10.69 6.02
C LEU A 267 2.67 11.66 5.99
N ARG A 268 2.76 12.75 6.76
CA ARG A 268 1.72 13.78 6.77
C ARG A 268 1.47 14.36 5.38
N TYR A 269 2.39 14.17 4.41
CA TYR A 269 2.15 14.67 3.05
C TYR A 269 0.94 14.00 2.39
N SER A 270 0.61 12.78 2.81
CA SER A 270 -0.55 12.07 2.26
C SER A 270 -1.87 12.67 2.76
N PHE A 271 -1.78 13.58 3.74
CA PHE A 271 -2.96 14.24 4.30
C PHE A 271 -3.50 15.35 3.38
N PHE A 272 -2.70 15.75 2.40
CA PHE A 272 -3.08 16.86 1.54
C PHE A 272 -3.62 16.57 0.17
N ASP A 273 -4.48 17.46 -0.31
CA ASP A 273 -5.03 17.36 -1.65
C ASP A 273 -3.84 17.37 -2.64
N LYS A 274 -3.99 16.70 -3.79
CA LYS A 274 -2.93 16.59 -4.80
C LYS A 274 -2.21 17.91 -5.11
N TYR A 275 -2.97 18.95 -5.43
CA TYR A 275 -2.38 20.24 -5.75
C TYR A 275 -2.71 21.29 -4.69
N PHE A 276 -2.86 20.81 -3.47
CA PHE A 276 -3.18 21.65 -2.33
C PHE A 276 -4.39 22.56 -2.52
N ARG A 277 -5.47 22.00 -3.07
CA ARG A 277 -6.73 22.73 -3.26
C ARG A 277 -7.55 22.52 -1.99
N LYS A 278 -8.33 23.53 -1.61
CA LYS A 278 -9.18 23.47 -0.42
C LYS A 278 -10.10 22.24 -0.45
N ILE A 279 -10.20 21.56 0.68
CA ILE A 279 -11.04 20.38 0.78
C ILE A 279 -12.49 20.87 0.80
N GLY A 280 -13.31 20.36 -0.11
CA GLY A 280 -14.70 20.75 -0.19
C GLY A 280 -14.94 21.94 -1.10
N GLN A 281 -13.87 22.65 -1.45
CA GLN A 281 -13.97 23.81 -2.36
C GLN A 281 -12.82 23.66 -3.35
N PRO A 282 -12.83 22.56 -4.13
CA PRO A 282 -11.80 22.24 -5.11
C PRO A 282 -11.34 23.29 -6.11
N SER A 283 -12.17 24.27 -6.44
CA SER A 283 -11.79 25.33 -7.37
C SER A 283 -10.79 26.31 -6.79
N GLN A 284 -10.71 26.38 -5.46
CA GLN A 284 -9.82 27.32 -4.80
C GLN A 284 -8.51 26.76 -4.30
N ALA A 285 -7.44 27.52 -4.52
CA ALA A 285 -6.12 27.14 -4.04
C ALA A 285 -6.18 27.28 -2.52
N GLY A 286 -5.63 26.29 -1.82
CA GLY A 286 -5.62 26.33 -0.37
C GLY A 286 -4.63 27.35 0.17
N THR A 287 -4.77 27.68 1.44
CA THR A 287 -3.90 28.65 2.08
C THR A 287 -3.08 27.95 3.16
N GLY A 288 -3.06 26.62 3.14
CA GLY A 288 -2.31 25.88 4.14
C GLY A 288 -3.03 24.61 4.53
N TYR A 289 -3.47 24.53 5.79
CA TYR A 289 -4.14 23.36 6.26
C TYR A 289 -5.58 23.22 5.79
N ASP A 290 -6.12 24.21 5.10
CA ASP A 290 -7.49 24.05 4.60
C ASP A 290 -7.46 23.07 3.42
N ALA A 291 -6.25 22.70 2.99
CA ALA A 291 -6.05 21.75 1.90
C ALA A 291 -5.81 20.33 2.41
N ALA A 292 -5.84 20.14 3.73
CA ALA A 292 -5.66 18.83 4.35
C ALA A 292 -6.96 18.09 4.65
N HIS A 293 -7.11 16.88 4.11
CA HIS A 293 -8.28 16.06 4.41
C HIS A 293 -8.03 15.17 5.64
N TYR A 294 -6.78 15.10 6.11
CA TYR A 294 -6.34 14.34 7.29
C TYR A 294 -6.48 12.82 7.22
N LEU A 295 -6.57 12.29 6.00
CA LEU A 295 -6.67 10.86 5.79
C LEU A 295 -5.41 10.38 5.07
N LEU A 296 -5.16 9.08 5.09
CA LEU A 296 -4.00 8.53 4.38
C LEU A 296 -4.47 8.30 2.93
N SER A 297 -4.16 9.25 2.05
CA SER A 297 -4.55 9.17 0.66
C SER A 297 -3.76 8.11 -0.10
N TRP A 298 -4.05 7.97 -1.38
CA TRP A 298 -3.39 6.95 -2.19
C TRP A 298 -1.87 7.11 -2.30
N TYR A 299 -1.35 8.33 -2.12
CA TYR A 299 0.09 8.57 -2.23
C TYR A 299 0.50 10.02 -2.04
N TYR A 300 1.81 10.20 -1.90
CA TYR A 300 2.38 11.54 -1.94
C TYR A 300 3.57 11.23 -2.85
N ALA A 301 3.91 12.17 -3.70
CA ALA A 301 5.01 11.93 -4.63
C ALA A 301 5.87 13.18 -4.71
N TRP A 302 7.14 13.00 -5.06
CA TRP A 302 8.07 14.12 -5.17
C TRP A 302 9.08 13.85 -6.25
N GLY A 303 9.72 14.93 -6.74
CA GLY A 303 10.72 14.77 -7.77
C GLY A 303 11.44 16.07 -8.02
N GLY A 304 12.38 16.05 -8.95
CA GLY A 304 13.11 17.26 -9.25
C GLY A 304 14.09 17.05 -10.39
N GLY A 305 14.85 18.08 -10.73
CA GLY A 305 15.82 17.98 -11.80
C GLY A 305 17.13 17.32 -11.47
N ILE A 306 17.72 16.67 -12.48
CA ILE A 306 19.02 16.03 -12.35
C ILE A 306 20.05 17.04 -12.87
N ASP A 307 19.76 17.56 -14.07
CA ASP A 307 20.61 18.52 -14.79
C ASP A 307 20.45 19.99 -14.36
N SER A 308 19.32 20.32 -13.74
CA SER A 308 19.07 21.68 -13.25
C SER A 308 18.41 21.56 -11.87
N THR A 309 18.37 22.65 -11.11
CA THR A 309 17.83 22.61 -9.75
C THR A 309 16.42 23.15 -9.55
N TRP A 310 15.49 22.22 -9.33
CA TRP A 310 14.08 22.53 -9.07
C TRP A 310 13.47 21.25 -8.50
N SER A 311 12.29 21.36 -7.89
CA SER A 311 11.62 20.19 -7.34
C SER A 311 10.16 20.49 -7.11
N TRP A 312 9.39 19.43 -6.86
CA TRP A 312 7.95 19.52 -6.63
C TRP A 312 7.52 18.40 -5.69
N ILE A 313 6.35 18.57 -5.09
CA ILE A 313 5.76 17.57 -4.19
C ILE A 313 4.25 17.63 -4.40
N ILE A 314 3.59 16.47 -4.38
CA ILE A 314 2.14 16.44 -4.51
C ILE A 314 1.62 15.43 -3.50
N GLY A 315 0.42 15.70 -3.01
CA GLY A 315 -0.25 14.77 -2.10
C GLY A 315 -1.20 14.00 -3.01
N SER A 316 -2.37 13.62 -2.51
CA SER A 316 -3.37 12.92 -3.33
C SER A 316 -4.77 13.32 -2.87
N SER A 317 -5.66 13.54 -3.85
CA SER A 317 -7.05 13.91 -3.58
C SER A 317 -7.95 12.72 -3.30
N HIS A 318 -7.49 11.55 -3.72
CA HIS A 318 -8.25 10.31 -3.62
C HIS A 318 -7.97 9.53 -2.34
N ASN A 319 -9.03 9.14 -1.63
CA ASN A 319 -8.90 8.39 -0.37
C ASN A 319 -9.69 7.08 -0.37
N HIS A 320 -9.04 6.00 0.07
CA HIS A 320 -9.64 4.65 0.13
C HIS A 320 -9.64 4.22 1.60
N PHE A 321 -10.71 3.60 2.08
CA PHE A 321 -10.75 3.19 3.49
C PHE A 321 -9.67 2.14 3.80
N GLY A 322 -9.34 1.34 2.78
CA GLY A 322 -8.35 0.29 2.94
C GLY A 322 -6.94 0.71 3.36
N TYR A 323 -6.60 1.99 3.18
CA TYR A 323 -5.28 2.52 3.52
C TYR A 323 -5.18 3.11 4.93
N GLN A 324 -6.33 3.39 5.52
CA GLN A 324 -6.33 4.04 6.84
C GLN A 324 -5.66 3.21 7.91
N ASN A 325 -5.09 3.90 8.91
CA ASN A 325 -4.42 3.22 10.02
C ASN A 325 -4.57 4.07 11.27
N PRO A 326 -5.73 3.94 11.95
CA PRO A 326 -5.97 4.71 13.17
C PRO A 326 -5.04 4.30 14.31
N PHE A 327 -4.47 3.10 14.22
CA PHE A 327 -3.55 2.67 15.25
C PHE A 327 -2.26 3.46 15.14
N ALA A 328 -1.72 3.58 13.92
CA ALA A 328 -0.49 4.36 13.72
C ALA A 328 -0.76 5.80 14.14
N ALA A 329 -1.96 6.32 13.84
CA ALA A 329 -2.31 7.70 14.20
C ALA A 329 -2.36 7.92 15.71
N TRP A 330 -2.84 6.91 16.45
CA TRP A 330 -2.91 6.98 17.91
C TRP A 330 -1.48 6.96 18.49
N VAL A 331 -0.61 6.12 17.94
CA VAL A 331 0.79 6.03 18.38
C VAL A 331 1.56 7.35 18.24
N LEU A 332 1.49 7.94 17.05
CA LEU A 332 2.20 9.18 16.75
C LEU A 332 1.65 10.42 17.45
N SER A 333 0.38 10.41 17.84
CA SER A 333 -0.25 11.54 18.53
C SER A 333 -0.28 11.42 20.04
N THR A 334 -0.10 10.22 20.58
CA THR A 334 -0.18 10.06 22.03
C THR A 334 1.01 9.46 22.76
N ASP A 335 1.77 8.60 22.10
CA ASP A 335 2.91 7.99 22.78
C ASP A 335 4.10 8.93 22.76
N ALA A 336 4.62 9.24 23.94
CA ALA A 336 5.74 10.15 24.04
C ALA A 336 6.99 9.71 23.29
N ASN A 337 7.22 8.39 23.18
CA ASN A 337 8.42 7.90 22.46
C ASN A 337 8.32 8.05 20.96
N PHE A 338 7.11 8.15 20.43
CA PHE A 338 6.89 8.29 19.02
C PHE A 338 6.48 9.69 18.58
N LYS A 339 6.75 10.69 19.43
CA LYS A 339 6.38 12.06 19.10
C LYS A 339 7.31 12.61 18.02
N PRO A 340 6.75 13.02 16.89
CA PRO A 340 7.54 13.57 15.79
C PRO A 340 8.27 14.85 16.22
N LYS A 341 9.46 15.06 15.66
CA LYS A 341 10.25 16.26 15.96
C LYS A 341 9.63 17.58 15.48
N SER A 342 8.88 17.56 14.37
CA SER A 342 8.28 18.77 13.82
C SER A 342 7.34 19.46 14.82
N SER A 343 7.10 20.75 14.62
CA SER A 343 6.24 21.50 15.53
C SER A 343 4.79 21.00 15.58
N ASN A 344 4.24 20.62 14.43
CA ASN A 344 2.84 20.17 14.35
C ASN A 344 2.59 18.69 14.13
N GLY A 345 3.64 17.87 14.17
CA GLY A 345 3.51 16.43 13.94
C GLY A 345 2.49 15.68 14.76
N ALA A 346 2.66 15.66 16.09
CA ALA A 346 1.75 14.94 16.97
C ALA A 346 0.32 15.44 16.89
N SER A 347 0.14 16.76 16.81
CA SER A 347 -1.21 17.34 16.72
C SER A 347 -1.94 17.06 15.40
N ASP A 348 -1.22 17.01 14.27
CA ASP A 348 -1.82 16.72 12.96
C ASP A 348 -2.28 15.24 12.98
N TRP A 349 -1.49 14.39 13.61
CA TRP A 349 -1.85 12.99 13.73
C TRP A 349 -3.05 12.78 14.66
N ALA A 350 -3.24 13.68 15.63
CA ALA A 350 -4.38 13.61 16.53
C ALA A 350 -5.63 13.97 15.71
N LYS A 351 -5.51 14.92 14.79
CA LYS A 351 -6.62 15.33 13.93
C LYS A 351 -6.96 14.21 12.95
N SER A 352 -5.92 13.53 12.47
CA SER A 352 -6.10 12.40 11.56
C SER A 352 -6.81 11.23 12.24
N LEU A 353 -6.43 10.90 13.48
CA LEU A 353 -7.09 9.80 14.20
C LEU A 353 -8.61 10.02 14.22
N ASP A 354 -9.04 11.23 14.60
CA ASP A 354 -10.47 11.54 14.65
C ASP A 354 -11.13 11.51 13.29
N ARG A 355 -10.46 12.08 12.27
CA ARG A 355 -10.99 12.12 10.91
C ARG A 355 -11.12 10.72 10.30
N GLN A 356 -10.14 9.86 10.54
CA GLN A 356 -10.14 8.49 10.01
C GLN A 356 -11.32 7.66 10.55
N LEU A 357 -11.57 7.73 11.87
CA LEU A 357 -12.67 6.99 12.48
C LEU A 357 -14.03 7.46 11.97
N GLU A 358 -14.13 8.75 11.63
CA GLU A 358 -15.37 9.30 11.07
C GLU A 358 -15.53 8.75 9.66
N PHE A 359 -14.43 8.67 8.91
CA PHE A 359 -14.41 8.17 7.53
C PHE A 359 -14.90 6.71 7.48
N TYR A 360 -14.39 5.85 8.37
CA TYR A 360 -14.82 4.44 8.43
C TYR A 360 -16.32 4.32 8.74
N GLN A 361 -16.80 5.13 9.68
CA GLN A 361 -18.20 5.10 10.06
C GLN A 361 -19.14 5.56 8.94
N TRP A 362 -18.77 6.65 8.27
CA TRP A 362 -19.54 7.17 7.14
C TRP A 362 -19.68 6.10 6.06
N LEU A 363 -18.62 5.30 5.89
CA LEU A 363 -18.59 4.27 4.86
C LEU A 363 -19.14 2.88 5.21
N GLN A 364 -19.58 2.66 6.45
CA GLN A 364 -20.07 1.34 6.86
C GLN A 364 -21.43 1.04 6.26
N SER A 365 -21.52 -0.04 5.49
CA SER A 365 -22.76 -0.39 4.82
C SER A 365 -23.82 -0.94 5.79
N ALA A 366 -25.04 -1.12 5.27
CA ALA A 366 -26.13 -1.67 6.07
C ALA A 366 -25.72 -2.99 6.71
N GLU A 367 -25.03 -3.84 5.96
CA GLU A 367 -24.57 -5.15 6.45
C GLU A 367 -23.36 -5.11 7.39
N GLY A 368 -22.45 -4.16 7.17
CA GLY A 368 -21.26 -4.07 8.03
C GLY A 368 -19.93 -3.85 7.31
N ALA A 369 -19.83 -4.31 6.07
CA ALA A 369 -18.61 -4.15 5.28
C ALA A 369 -18.40 -2.65 4.99
N ILE A 370 -17.14 -2.24 4.84
CA ILE A 370 -16.81 -0.84 4.59
C ILE A 370 -16.73 -0.52 3.10
N ALA A 371 -17.44 0.52 2.66
CA ALA A 371 -17.43 0.96 1.26
C ALA A 371 -16.14 1.73 0.91
N GLY A 372 -15.97 2.01 -0.37
CA GLY A 372 -14.75 2.61 -0.91
C GLY A 372 -14.01 3.79 -0.30
N GLY A 373 -14.51 4.98 -0.56
CA GLY A 373 -13.85 6.16 -0.05
C GLY A 373 -14.44 7.42 -0.65
N ALA A 374 -13.59 8.43 -0.83
CA ALA A 374 -14.01 9.71 -1.37
C ALA A 374 -12.86 10.42 -2.04
N THR A 375 -13.17 11.46 -2.81
CA THR A 375 -12.15 12.22 -3.51
C THR A 375 -12.44 13.71 -3.47
N ASN A 376 -11.39 14.51 -3.42
CA ASN A 376 -11.56 15.97 -3.46
C ASN A 376 -11.39 16.44 -4.91
N SER A 377 -11.16 15.52 -5.83
CA SER A 377 -10.97 15.87 -7.24
C SER A 377 -11.82 14.97 -8.14
N TRP A 378 -13.05 15.36 -8.42
CA TRP A 378 -13.95 14.57 -9.26
C TRP A 378 -13.37 14.35 -10.66
N ASN A 379 -13.20 13.08 -11.03
CA ASN A 379 -12.62 12.69 -12.33
C ASN A 379 -11.15 13.11 -12.43
N GLY A 380 -10.55 13.42 -11.29
CA GLY A 380 -9.14 13.83 -11.26
C GLY A 380 -8.86 15.15 -11.93
N ARG A 381 -9.91 15.95 -12.11
CA ARG A 381 -9.79 17.25 -12.76
C ARG A 381 -10.59 18.32 -12.00
N TYR A 382 -10.88 18.08 -10.73
CA TYR A 382 -11.63 19.00 -9.89
C TYR A 382 -12.95 19.42 -10.51
N GLU A 383 -13.62 18.48 -11.17
CA GLU A 383 -14.90 18.77 -11.79
C GLU A 383 -15.99 18.88 -10.74
N ALA A 384 -17.15 19.39 -11.14
CA ALA A 384 -18.26 19.54 -10.22
C ALA A 384 -18.83 18.18 -9.84
N VAL A 385 -19.08 17.98 -8.54
CA VAL A 385 -19.66 16.74 -8.03
C VAL A 385 -21.15 16.70 -8.46
N PRO A 386 -21.56 15.69 -9.24
CA PRO A 386 -22.96 15.60 -9.67
C PRO A 386 -23.96 15.59 -8.51
N SER A 387 -25.08 16.30 -8.68
CA SER A 387 -26.12 16.38 -7.64
C SER A 387 -26.57 15.00 -7.18
N GLY A 388 -26.87 14.89 -5.90
CA GLY A 388 -27.28 13.60 -5.40
C GLY A 388 -26.14 12.73 -4.94
N THR A 389 -24.90 13.09 -5.26
CA THR A 389 -23.74 12.31 -4.80
C THR A 389 -23.50 12.67 -3.35
N SER A 390 -23.45 11.69 -2.46
CA SER A 390 -23.23 12.02 -1.05
C SER A 390 -21.78 12.43 -0.84
N THR A 391 -21.53 13.17 0.24
CA THR A 391 -20.21 13.69 0.52
C THR A 391 -19.77 13.55 1.96
N PHE A 392 -18.46 13.69 2.17
CA PHE A 392 -17.81 13.60 3.47
C PHE A 392 -16.87 14.80 3.51
N TYR A 393 -17.25 15.83 4.26
CA TYR A 393 -16.48 17.06 4.37
C TYR A 393 -16.28 17.72 3.00
N GLY A 394 -17.30 17.61 2.15
CA GLY A 394 -17.24 18.19 0.82
C GLY A 394 -16.69 17.31 -0.27
N MET A 395 -16.15 16.14 0.10
CA MET A 395 -15.59 15.21 -0.87
C MET A 395 -16.64 14.21 -1.33
N GLY A 396 -16.76 14.02 -2.63
CA GLY A 396 -17.74 13.10 -3.19
C GLY A 396 -17.41 11.64 -2.98
N TYR A 397 -18.42 10.84 -2.68
CA TYR A 397 -18.24 9.40 -2.48
C TYR A 397 -17.85 8.72 -3.79
N VAL A 398 -16.87 7.83 -3.72
CA VAL A 398 -16.43 7.06 -4.88
C VAL A 398 -16.42 5.59 -4.47
N GLU A 399 -17.15 4.76 -5.21
CA GLU A 399 -17.28 3.34 -4.93
C GLU A 399 -15.97 2.58 -5.03
N ASN A 400 -15.20 2.90 -6.06
CA ASN A 400 -13.90 2.28 -6.28
C ASN A 400 -12.87 3.40 -6.50
N PRO A 401 -12.31 3.93 -5.41
CA PRO A 401 -11.32 5.01 -5.45
C PRO A 401 -10.09 4.65 -6.29
N VAL A 402 -9.63 5.60 -7.10
CA VAL A 402 -8.43 5.52 -7.93
C VAL A 402 -8.37 4.55 -9.13
N TYR A 403 -8.71 3.28 -8.93
CA TYR A 403 -8.66 2.28 -10.00
C TYR A 403 -9.99 1.62 -10.31
N ALA A 404 -10.26 1.41 -11.59
CA ALA A 404 -11.49 0.78 -12.07
C ALA A 404 -11.19 -0.54 -12.78
N ASP A 405 -9.91 -0.85 -12.95
CA ASP A 405 -9.52 -2.08 -13.66
C ASP A 405 -8.48 -2.90 -12.90
N PRO A 406 -8.92 -3.75 -11.96
CA PRO A 406 -10.31 -3.94 -11.57
C PRO A 406 -10.64 -2.91 -10.49
N GLY A 407 -11.91 -2.84 -10.09
CA GLY A 407 -12.31 -1.91 -9.04
C GLY A 407 -11.51 -2.12 -7.76
N SER A 408 -10.98 -1.04 -7.19
CA SER A 408 -10.15 -1.10 -5.97
C SER A 408 -10.85 -1.59 -4.71
N ASN A 409 -12.18 -1.52 -4.67
CA ASN A 409 -12.90 -2.04 -3.49
C ASN A 409 -13.73 -3.29 -3.79
N THR A 410 -13.38 -4.02 -4.84
CA THR A 410 -14.07 -5.26 -5.18
C THR A 410 -13.32 -6.47 -4.60
N TRP A 411 -12.13 -6.24 -4.06
CA TRP A 411 -11.32 -7.29 -3.45
C TRP A 411 -11.55 -7.26 -1.94
N PHE A 412 -11.89 -8.41 -1.37
CA PHE A 412 -12.15 -8.54 0.07
C PHE A 412 -10.96 -8.16 0.95
N GLY A 413 -9.74 -8.36 0.42
CA GLY A 413 -8.52 -8.05 1.16
C GLY A 413 -8.45 -6.73 1.89
N MET A 414 -8.96 -5.68 1.27
CA MET A 414 -8.94 -4.34 1.90
C MET A 414 -9.72 -4.32 3.22
N GLN A 415 -10.81 -5.08 3.29
CA GLN A 415 -11.60 -5.14 4.53
C GLN A 415 -10.76 -5.55 5.73
N VAL A 416 -10.06 -6.66 5.61
CA VAL A 416 -9.28 -7.18 6.73
C VAL A 416 -8.02 -6.40 7.05
N TRP A 417 -7.29 -5.96 6.02
CA TRP A 417 -6.08 -5.19 6.25
C TRP A 417 -6.38 -3.95 7.08
N SER A 418 -7.44 -3.26 6.68
CA SER A 418 -7.82 -2.02 7.33
C SER A 418 -8.53 -2.23 8.66
N MET A 419 -9.47 -3.18 8.75
CA MET A 419 -10.15 -3.39 10.03
C MET A 419 -9.24 -3.96 11.10
N GLN A 420 -8.16 -4.62 10.69
CA GLN A 420 -7.18 -5.18 11.64
C GLN A 420 -6.58 -4.06 12.51
N ARG A 421 -6.34 -2.91 11.91
CA ARG A 421 -5.77 -1.74 12.60
C ARG A 421 -6.78 -1.15 13.58
N VAL A 422 -8.06 -1.22 13.22
CA VAL A 422 -9.14 -0.74 14.10
C VAL A 422 -9.23 -1.69 15.33
N ALA A 423 -9.05 -2.99 15.10
CA ALA A 423 -9.07 -4.00 16.17
C ALA A 423 -7.92 -3.76 17.15
N GLU A 424 -6.74 -3.42 16.63
CA GLU A 424 -5.61 -3.13 17.49
C GLU A 424 -5.88 -1.88 18.33
N LEU A 425 -6.44 -0.85 17.71
CA LEU A 425 -6.76 0.40 18.42
C LEU A 425 -7.77 0.09 19.53
N TYR A 426 -8.79 -0.70 19.20
CA TYR A 426 -9.83 -1.07 20.15
C TYR A 426 -9.24 -1.88 21.30
N TYR A 427 -8.32 -2.78 21.00
CA TYR A 427 -7.69 -3.60 22.02
C TYR A 427 -6.90 -2.76 23.01
N LYS A 428 -6.13 -1.80 22.50
CA LYS A 428 -5.29 -0.96 23.35
C LYS A 428 -5.99 0.11 24.14
N THR A 429 -7.03 0.70 23.56
CA THR A 429 -7.72 1.81 24.20
C THR A 429 -9.18 1.61 24.56
N GLY A 430 -9.83 0.61 23.98
CA GLY A 430 -11.24 0.39 24.25
C GLY A 430 -12.09 1.48 23.63
N ASP A 431 -11.54 2.22 22.66
CA ASP A 431 -12.27 3.31 22.01
C ASP A 431 -13.68 2.91 21.55
N ALA A 432 -14.67 3.72 21.96
CA ALA A 432 -16.08 3.47 21.63
C ALA A 432 -16.39 3.52 20.14
N ARG A 433 -15.72 4.41 19.42
CA ARG A 433 -15.90 4.52 17.98
C ARG A 433 -15.44 3.24 17.31
N ALA A 434 -14.30 2.71 17.78
CA ALA A 434 -13.76 1.47 17.23
C ALA A 434 -14.68 0.27 17.51
N LYS A 435 -15.17 0.19 18.76
CA LYS A 435 -16.07 -0.87 19.18
C LYS A 435 -17.33 -0.89 18.30
N LYS A 436 -17.94 0.28 18.10
CA LYS A 436 -19.15 0.40 17.29
C LYS A 436 -18.95 -0.12 15.84
N LEU A 437 -17.81 0.22 15.24
CA LEU A 437 -17.48 -0.23 13.88
C LEU A 437 -17.26 -1.73 13.82
N LEU A 438 -16.44 -2.24 14.75
CA LEU A 438 -16.11 -3.66 14.83
C LEU A 438 -17.28 -4.61 15.18
N ASP A 439 -18.15 -4.21 16.11
CA ASP A 439 -19.28 -5.07 16.49
C ASP A 439 -20.13 -5.41 15.26
N LYS A 440 -20.36 -4.41 14.41
CA LYS A 440 -21.17 -4.61 13.21
C LYS A 440 -20.41 -5.33 12.10
N TRP A 441 -19.14 -4.93 11.89
CA TRP A 441 -18.32 -5.55 10.86
C TRP A 441 -18.07 -7.02 11.18
N ALA A 442 -17.68 -7.32 12.42
CA ALA A 442 -17.43 -8.70 12.84
C ALA A 442 -18.68 -9.60 12.75
N LYS A 443 -19.87 -9.03 12.93
CA LYS A 443 -21.10 -9.82 12.85
C LYS A 443 -21.33 -10.18 11.38
N TRP A 444 -21.04 -9.22 10.50
CA TRP A 444 -21.16 -9.44 9.07
C TRP A 444 -20.21 -10.56 8.59
N ILE A 445 -18.92 -10.43 8.89
CA ILE A 445 -17.92 -11.39 8.43
C ILE A 445 -17.99 -12.78 9.08
N ASN A 446 -18.43 -12.87 10.34
CA ASN A 446 -18.57 -14.17 10.99
C ASN A 446 -19.66 -15.04 10.32
N GLY A 447 -20.59 -14.38 9.62
CA GLY A 447 -21.64 -15.11 8.91
C GLY A 447 -21.23 -15.46 7.48
N GLU A 448 -20.04 -15.04 7.06
CA GLU A 448 -19.56 -15.33 5.70
C GLU A 448 -18.39 -16.31 5.65
N ILE A 449 -18.01 -16.86 6.80
CA ILE A 449 -16.91 -17.82 6.85
C ILE A 449 -17.48 -19.23 6.76
N LYS A 450 -17.03 -20.02 5.77
CA LYS A 450 -17.54 -21.38 5.57
C LYS A 450 -16.50 -22.47 5.71
N PHE A 451 -16.68 -23.34 6.70
CA PHE A 451 -15.77 -24.45 6.93
C PHE A 451 -16.38 -25.72 6.34
N ASN A 452 -15.59 -26.46 5.57
CA ASN A 452 -16.05 -27.68 4.92
C ASN A 452 -15.69 -28.92 5.75
N ALA A 453 -16.41 -30.01 5.53
CA ALA A 453 -16.19 -31.26 6.27
C ALA A 453 -14.79 -31.82 6.13
N ASP A 454 -14.12 -31.51 5.03
CA ASP A 454 -12.77 -32.02 4.80
C ASP A 454 -11.66 -31.16 5.38
N GLY A 455 -12.02 -30.14 6.15
CA GLY A 455 -11.01 -29.29 6.76
C GLY A 455 -10.62 -28.04 5.96
N THR A 456 -11.12 -27.90 4.73
CA THR A 456 -10.81 -26.72 3.93
C THR A 456 -11.84 -25.65 4.30
N PHE A 457 -11.65 -24.42 3.83
CA PHE A 457 -12.60 -23.34 4.15
C PHE A 457 -12.66 -22.33 3.02
N GLN A 458 -13.64 -21.44 3.09
CA GLN A 458 -13.80 -20.38 2.10
C GLN A 458 -14.25 -19.09 2.80
N ILE A 459 -13.78 -17.96 2.29
CA ILE A 459 -14.15 -16.63 2.78
C ILE A 459 -14.47 -15.77 1.54
N PRO A 460 -15.08 -14.57 1.70
CA PRO A 460 -15.38 -13.76 0.52
C PRO A 460 -14.11 -13.47 -0.28
N SER A 461 -14.24 -13.45 -1.60
CA SER A 461 -13.11 -13.19 -2.48
C SER A 461 -13.39 -11.90 -3.24
N THR A 462 -14.42 -11.89 -4.06
CA THR A 462 -14.81 -10.71 -4.82
C THR A 462 -16.13 -10.18 -4.25
N ILE A 463 -16.22 -8.87 -4.05
CA ILE A 463 -17.44 -8.24 -3.53
C ILE A 463 -17.89 -7.11 -4.45
N ASP A 464 -19.17 -6.77 -4.36
CA ASP A 464 -19.73 -5.71 -5.20
C ASP A 464 -20.54 -4.78 -4.32
N TRP A 465 -20.93 -3.63 -4.87
CA TRP A 465 -21.65 -2.61 -4.11
C TRP A 465 -22.86 -2.03 -4.81
N GLU A 466 -23.79 -1.55 -4.00
CA GLU A 466 -25.01 -0.92 -4.47
C GLU A 466 -25.33 0.25 -3.56
N GLY A 467 -25.71 1.37 -4.19
CA GLY A 467 -26.09 2.56 -3.44
C GLY A 467 -24.92 3.42 -2.99
N GLN A 468 -25.17 4.24 -1.98
CA GLN A 468 -24.14 5.11 -1.46
C GLN A 468 -24.45 5.45 -0.01
N PRO A 469 -23.43 5.88 0.76
CA PRO A 469 -23.73 6.22 2.16
C PRO A 469 -24.50 7.55 2.22
N ASP A 470 -25.11 7.82 3.37
CA ASP A 470 -25.83 9.08 3.56
C ASP A 470 -24.76 10.17 3.78
N THR A 471 -25.00 11.38 3.31
CA THR A 471 -24.04 12.48 3.49
C THR A 471 -23.68 12.57 4.96
N TRP A 472 -22.38 12.63 5.25
CA TRP A 472 -21.91 12.67 6.61
C TRP A 472 -22.19 14.01 7.27
N ASN A 473 -22.74 13.95 8.47
CA ASN A 473 -23.01 15.15 9.29
C ASN A 473 -22.42 14.76 10.64
N PRO A 474 -21.21 15.27 10.94
CA PRO A 474 -20.50 14.96 12.19
C PRO A 474 -21.28 15.06 13.50
N THR A 475 -22.24 15.97 13.58
CA THR A 475 -23.01 16.12 14.84
C THR A 475 -24.12 15.08 14.98
N GLN A 476 -24.50 14.43 13.88
CA GLN A 476 -25.54 13.40 13.95
C GLN A 476 -24.96 11.99 13.91
N GLY A 477 -23.80 11.82 13.29
CA GLY A 477 -23.16 10.52 13.23
C GLY A 477 -23.76 9.51 12.25
N TYR A 478 -23.45 8.25 12.49
CA TYR A 478 -23.93 7.15 11.66
C TYR A 478 -25.47 7.06 11.61
N THR A 479 -26.00 7.02 10.39
CA THR A 479 -27.45 6.93 10.13
C THR A 479 -27.85 5.46 9.90
N GLY A 480 -26.85 4.58 9.81
CA GLY A 480 -27.11 3.17 9.56
C GLY A 480 -26.93 2.81 8.09
N ASN A 481 -26.84 3.82 7.23
CA ASN A 481 -26.67 3.67 5.78
C ASN A 481 -27.56 2.57 5.18
N ALA A 482 -28.86 2.73 5.32
CA ALA A 482 -29.83 1.74 4.82
C ALA A 482 -29.79 1.55 3.31
N ASN A 483 -29.28 2.53 2.58
CA ASN A 483 -29.21 2.43 1.12
C ASN A 483 -27.84 1.98 0.57
N LEU A 484 -26.88 1.70 1.45
CA LEU A 484 -25.55 1.23 1.03
C LEU A 484 -25.46 -0.27 1.34
N HIS A 485 -25.30 -1.08 0.30
CA HIS A 485 -25.23 -2.53 0.47
C HIS A 485 -24.02 -3.17 -0.17
N VAL A 486 -23.53 -4.22 0.47
CA VAL A 486 -22.40 -5.01 -0.02
C VAL A 486 -23.00 -6.34 -0.49
N LYS A 487 -22.38 -6.97 -1.49
CA LYS A 487 -22.83 -8.25 -2.03
C LYS A 487 -21.58 -9.10 -2.22
N VAL A 488 -21.57 -10.32 -1.70
CA VAL A 488 -20.43 -11.19 -1.91
C VAL A 488 -20.68 -11.88 -3.25
N VAL A 489 -19.83 -11.63 -4.25
CA VAL A 489 -19.97 -12.23 -5.59
C VAL A 489 -19.48 -13.67 -5.63
N ASN A 490 -18.32 -13.92 -5.04
CA ASN A 490 -17.81 -15.28 -4.97
C ASN A 490 -16.85 -15.47 -3.80
N TYR A 491 -16.60 -16.72 -3.44
CA TYR A 491 -15.75 -17.06 -2.33
C TYR A 491 -14.44 -17.67 -2.81
N GLY A 492 -13.46 -17.75 -1.92
CA GLY A 492 -12.19 -18.33 -2.31
C GLY A 492 -11.42 -18.68 -1.06
N THR A 493 -10.17 -19.08 -1.23
CA THR A 493 -9.34 -19.44 -0.10
C THR A 493 -8.02 -18.68 -0.16
N ASP A 494 -8.09 -17.36 -0.17
CA ASP A 494 -6.87 -16.56 -0.19
C ASP A 494 -6.25 -16.67 1.21
N LEU A 495 -5.09 -17.31 1.32
CA LEU A 495 -4.42 -17.51 2.61
C LEU A 495 -3.92 -16.23 3.28
N GLY A 496 -3.56 -15.22 2.50
CA GLY A 496 -3.12 -13.94 3.07
C GLY A 496 -4.33 -13.25 3.69
N CYS A 497 -5.43 -13.19 2.94
CA CYS A 497 -6.64 -12.55 3.47
C CYS A 497 -7.18 -13.28 4.72
N ALA A 498 -7.17 -14.61 4.72
CA ALA A 498 -7.64 -15.39 5.88
C ALA A 498 -6.77 -15.20 7.14
N SER A 499 -5.47 -15.00 6.95
CA SER A 499 -4.56 -14.78 8.08
C SER A 499 -4.81 -13.41 8.69
N SER A 500 -5.02 -12.40 7.83
CA SER A 500 -5.31 -11.05 8.28
C SER A 500 -6.68 -11.06 9.00
N LEU A 501 -7.64 -11.80 8.45
CA LEU A 501 -8.98 -11.94 9.07
C LEU A 501 -8.84 -12.56 10.46
N ALA A 502 -8.01 -13.60 10.61
CA ALA A 502 -7.79 -14.26 11.91
C ALA A 502 -7.19 -13.29 12.93
N ASN A 503 -6.28 -12.47 12.45
CA ASN A 503 -5.62 -11.45 13.28
C ASN A 503 -6.66 -10.43 13.78
N THR A 504 -7.47 -9.89 12.87
CA THR A 504 -8.51 -8.93 13.21
C THR A 504 -9.49 -9.48 14.27
N LEU A 505 -10.01 -10.69 14.01
CA LEU A 505 -10.96 -11.36 14.91
C LEU A 505 -10.34 -11.72 16.26
N THR A 506 -9.02 -12.00 16.28
CA THR A 506 -8.32 -12.34 17.53
C THR A 506 -8.21 -11.07 18.40
N TYR A 507 -7.77 -9.95 17.84
CA TYR A 507 -7.69 -8.70 18.63
C TYR A 507 -9.07 -8.30 19.15
N TYR A 508 -10.08 -8.37 18.28
CA TYR A 508 -11.45 -8.02 18.64
C TYR A 508 -12.02 -8.94 19.76
N ALA A 509 -11.81 -10.24 19.64
CA ALA A 509 -12.29 -11.21 20.62
C ALA A 509 -11.60 -11.06 21.98
N ALA A 510 -10.30 -10.76 21.99
CA ALA A 510 -9.56 -10.59 23.24
C ALA A 510 -10.12 -9.42 24.04
N LYS A 511 -10.59 -8.38 23.36
CA LYS A 511 -11.14 -7.20 24.04
C LYS A 511 -12.65 -7.26 24.33
N SER A 512 -13.42 -7.75 23.38
CA SER A 512 -14.87 -7.80 23.52
C SER A 512 -15.39 -9.04 24.23
N GLY A 513 -14.59 -10.09 24.25
CA GLY A 513 -15.00 -11.35 24.84
C GLY A 513 -15.88 -12.17 23.92
N ASP A 514 -16.02 -11.74 22.66
CA ASP A 514 -16.86 -12.44 21.69
C ASP A 514 -16.29 -13.82 21.32
N GLU A 515 -16.92 -14.88 21.84
CA GLU A 515 -16.48 -16.25 21.59
C GLU A 515 -16.50 -16.68 20.12
N THR A 516 -17.51 -16.24 19.38
CA THR A 516 -17.66 -16.57 17.95
C THR A 516 -16.46 -16.10 17.16
N SER A 517 -16.02 -14.87 17.45
CA SER A 517 -14.84 -14.31 16.79
C SER A 517 -13.60 -15.11 17.16
N ARG A 518 -13.44 -15.43 18.44
CA ARG A 518 -12.28 -16.20 18.88
C ARG A 518 -12.21 -17.60 18.28
N GLN A 519 -13.33 -18.32 18.25
CA GLN A 519 -13.27 -19.66 17.71
C GLN A 519 -13.17 -19.70 16.19
N ASN A 520 -13.70 -18.67 15.53
CA ASN A 520 -13.58 -18.60 14.07
C ASN A 520 -12.12 -18.32 13.74
N ALA A 521 -11.49 -17.45 14.51
CA ALA A 521 -10.08 -17.11 14.31
C ALA A 521 -9.21 -18.35 14.46
N GLN A 522 -9.40 -19.08 15.57
CA GLN A 522 -8.60 -20.30 15.82
C GLN A 522 -8.86 -21.38 14.76
N LYS A 523 -10.12 -21.57 14.34
CA LYS A 523 -10.44 -22.56 13.31
C LYS A 523 -9.76 -22.20 11.98
N LEU A 524 -9.66 -20.90 11.67
CA LEU A 524 -8.98 -20.45 10.45
C LEU A 524 -7.47 -20.77 10.57
N LEU A 525 -6.85 -20.42 11.69
CA LEU A 525 -5.43 -20.71 11.89
C LEU A 525 -5.12 -22.22 11.84
N ASP A 526 -5.97 -23.05 12.47
CA ASP A 526 -5.78 -24.50 12.51
C ASP A 526 -5.95 -25.15 11.13
N ALA A 527 -6.99 -24.73 10.41
CA ALA A 527 -7.29 -25.20 9.07
C ALA A 527 -6.11 -24.95 8.14
N MET A 528 -5.56 -23.73 8.18
CA MET A 528 -4.41 -23.36 7.34
C MET A 528 -3.16 -24.17 7.69
N TRP A 529 -2.86 -24.31 8.98
CA TRP A 529 -1.69 -25.08 9.44
C TRP A 529 -1.78 -26.56 9.06
N ASN A 530 -2.93 -27.16 9.36
CA ASN A 530 -3.17 -28.57 9.11
C ASN A 530 -3.40 -28.99 7.65
N ASN A 531 -4.02 -28.15 6.84
CA ASN A 531 -4.31 -28.55 5.44
C ASN A 531 -3.62 -27.80 4.33
N TYR A 532 -2.91 -26.72 4.63
CA TYR A 532 -2.24 -25.96 3.58
C TYR A 532 -0.75 -25.77 3.78
N SER A 533 -0.17 -26.49 4.74
CA SER A 533 1.25 -26.40 4.99
C SER A 533 2.09 -27.09 3.92
N ASP A 534 3.24 -26.52 3.63
CA ASP A 534 4.18 -27.07 2.68
C ASP A 534 5.59 -26.72 3.14
N SER A 535 6.60 -27.15 2.41
CA SER A 535 7.98 -26.91 2.78
C SER A 535 8.42 -25.45 2.90
N LYS A 536 7.68 -24.54 2.26
CA LYS A 536 8.04 -23.11 2.26
C LYS A 536 7.16 -22.19 3.11
N GLY A 537 6.14 -22.75 3.74
CA GLY A 537 5.24 -21.96 4.54
C GLY A 537 3.87 -22.54 4.27
N ILE A 538 2.97 -21.78 3.64
CA ILE A 538 1.65 -22.30 3.31
C ILE A 538 1.30 -21.90 1.88
N SER A 539 0.43 -22.68 1.25
CA SER A 539 0.00 -22.37 -0.10
C SER A 539 -1.21 -23.22 -0.51
N THR A 540 -1.80 -22.82 -1.63
CA THR A 540 -2.92 -23.52 -2.22
C THR A 540 -2.86 -23.22 -3.71
N VAL A 541 -3.52 -24.04 -4.51
CA VAL A 541 -3.56 -23.85 -5.94
C VAL A 541 -4.63 -22.81 -6.22
N GLU A 542 -4.29 -21.78 -6.98
CA GLU A 542 -5.24 -20.74 -7.29
C GLU A 542 -5.28 -20.46 -8.77
N GLN A 543 -6.44 -20.04 -9.26
CA GLN A 543 -6.62 -19.70 -10.66
C GLN A 543 -6.11 -18.30 -10.95
N ARG A 544 -5.44 -18.15 -12.07
CA ARG A 544 -4.91 -16.85 -12.49
C ARG A 544 -5.76 -16.41 -13.68
N GLY A 545 -6.99 -16.02 -13.36
CA GLY A 545 -7.96 -15.62 -14.35
C GLY A 545 -7.60 -14.51 -15.31
N ASP A 546 -6.70 -13.61 -14.93
CA ASP A 546 -6.31 -12.50 -15.81
C ASP A 546 -5.08 -12.78 -16.65
N TYR A 547 -4.45 -13.93 -16.45
CA TYR A 547 -3.23 -14.25 -17.19
C TYR A 547 -3.31 -14.24 -18.72
N HIS A 548 -4.51 -14.34 -19.28
CA HIS A 548 -4.66 -14.27 -20.76
C HIS A 548 -4.14 -12.90 -21.25
N ARG A 549 -4.17 -11.90 -20.37
CA ARG A 549 -3.70 -10.56 -20.69
C ARG A 549 -2.19 -10.45 -21.00
N PHE A 550 -1.41 -11.46 -20.63
CA PHE A 550 0.02 -11.50 -20.92
C PHE A 550 0.17 -11.41 -22.45
N LEU A 551 -0.67 -12.18 -23.14
CA LEU A 551 -0.64 -12.25 -24.58
C LEU A 551 -1.58 -11.34 -25.32
N ASP A 552 -2.75 -11.05 -24.75
CA ASP A 552 -3.69 -10.23 -25.49
C ASP A 552 -3.94 -8.80 -25.05
N GLN A 553 -3.22 -8.31 -24.04
CA GLN A 553 -3.46 -6.93 -23.63
C GLN A 553 -2.61 -5.97 -24.44
N GLU A 554 -3.24 -5.08 -25.18
CA GLU A 554 -2.50 -4.08 -25.94
C GLU A 554 -2.10 -2.96 -24.99
N VAL A 555 -0.89 -2.46 -25.16
CA VAL A 555 -0.38 -1.38 -24.33
C VAL A 555 -0.40 -0.13 -25.19
N PHE A 556 -1.03 0.93 -24.70
CA PHE A 556 -1.11 2.18 -25.45
C PHE A 556 0.21 2.93 -25.52
N VAL A 557 0.58 3.37 -26.73
CA VAL A 557 1.79 4.16 -26.97
C VAL A 557 1.34 5.28 -27.91
N PRO A 558 1.64 6.55 -27.55
CA PRO A 558 1.23 7.70 -28.40
C PRO A 558 1.70 7.58 -29.85
N ALA A 559 0.91 8.12 -30.76
CA ALA A 559 1.23 8.11 -32.20
C ALA A 559 2.58 8.73 -32.48
N GLY A 560 3.44 8.00 -33.18
CA GLY A 560 4.75 8.51 -33.55
C GLY A 560 5.88 8.30 -32.54
N TRP A 561 5.51 7.90 -31.34
CA TRP A 561 6.50 7.68 -30.28
C TRP A 561 7.10 6.28 -30.42
N THR A 562 8.42 6.18 -30.49
CA THR A 562 9.10 4.89 -30.55
C THR A 562 10.25 4.98 -29.57
N GLY A 563 10.57 3.85 -28.94
CA GLY A 563 11.67 3.81 -27.98
C GLY A 563 12.07 2.35 -27.76
N LYS A 564 13.04 2.09 -26.88
CA LYS A 564 13.47 0.73 -26.59
C LYS A 564 13.66 0.50 -25.09
N MET A 565 13.33 -0.71 -24.62
CA MET A 565 13.56 -1.09 -23.23
C MET A 565 15.05 -1.45 -23.19
N PRO A 566 15.68 -1.48 -22.00
CA PRO A 566 17.10 -1.81 -21.90
C PRO A 566 17.54 -3.08 -22.62
N ASN A 567 16.70 -4.11 -22.64
CA ASN A 567 17.07 -5.35 -23.33
C ASN A 567 16.85 -5.30 -24.85
N GLY A 568 16.44 -4.15 -25.37
CA GLY A 568 16.22 -4.03 -26.80
C GLY A 568 14.77 -4.13 -27.29
N ASP A 569 13.84 -4.59 -26.44
CA ASP A 569 12.43 -4.69 -26.83
C ASP A 569 11.95 -3.33 -27.34
N VAL A 570 11.33 -3.33 -28.52
CA VAL A 570 10.85 -2.09 -29.11
C VAL A 570 9.49 -1.65 -28.54
N ILE A 571 9.40 -0.39 -28.10
CA ILE A 571 8.15 0.16 -27.60
C ILE A 571 7.57 1.02 -28.72
N LYS A 572 6.38 0.68 -29.19
CA LYS A 572 5.71 1.41 -30.25
C LYS A 572 4.26 0.98 -30.25
N SER A 573 3.42 1.75 -30.94
CA SER A 573 1.99 1.44 -31.05
C SER A 573 1.81 0.02 -31.55
N GLY A 574 0.95 -0.74 -30.89
CA GLY A 574 0.71 -2.12 -31.30
C GLY A 574 1.20 -3.19 -30.34
N VAL A 575 2.23 -2.88 -29.54
CA VAL A 575 2.79 -3.86 -28.61
C VAL A 575 1.81 -4.40 -27.59
N LYS A 576 2.04 -5.65 -27.19
CA LYS A 576 1.23 -6.32 -26.17
C LYS A 576 2.07 -6.32 -24.90
N PHE A 577 1.48 -6.73 -23.79
CA PHE A 577 2.18 -6.79 -22.50
C PHE A 577 3.51 -7.52 -22.60
N ILE A 578 3.49 -8.70 -23.21
CA ILE A 578 4.68 -9.53 -23.34
C ILE A 578 5.76 -8.96 -24.27
N ASP A 579 5.37 -8.12 -25.21
CA ASP A 579 6.34 -7.55 -26.17
C ASP A 579 7.42 -6.65 -25.59
N ILE A 580 7.11 -5.95 -24.50
CA ILE A 580 8.08 -5.05 -23.86
C ILE A 580 8.67 -5.66 -22.58
N ARG A 581 8.45 -6.96 -22.40
CA ARG A 581 8.94 -7.76 -21.28
C ARG A 581 9.28 -9.16 -21.82
N SER A 582 10.00 -9.23 -22.94
CA SER A 582 10.31 -10.52 -23.56
C SER A 582 11.13 -11.47 -22.71
N LYS A 583 11.79 -10.97 -21.66
CA LYS A 583 12.55 -11.84 -20.76
C LYS A 583 11.69 -12.86 -20.04
N TYR A 584 10.39 -12.56 -19.93
CA TYR A 584 9.43 -13.45 -19.28
C TYR A 584 9.35 -14.80 -19.98
N LYS A 585 9.67 -14.84 -21.27
CA LYS A 585 9.62 -16.11 -21.98
C LYS A 585 10.65 -17.12 -21.48
N GLN A 586 11.63 -16.66 -20.70
CA GLN A 586 12.65 -17.54 -20.13
C GLN A 586 12.25 -18.07 -18.75
N ASP A 587 11.15 -17.55 -18.22
CA ASP A 587 10.67 -17.98 -16.92
C ASP A 587 10.40 -19.50 -16.94
N PRO A 588 10.77 -20.23 -15.86
CA PRO A 588 10.55 -21.67 -15.80
C PRO A 588 9.06 -22.08 -15.96
N GLU A 589 8.14 -21.20 -15.52
CA GLU A 589 6.71 -21.46 -15.64
C GLU A 589 6.06 -20.97 -16.93
N TRP A 590 6.81 -20.27 -17.79
CA TRP A 590 6.25 -19.73 -19.03
C TRP A 590 5.53 -20.73 -19.95
N GLN A 591 6.21 -21.81 -20.34
CA GLN A 591 5.62 -22.83 -21.23
C GLN A 591 4.35 -23.44 -20.62
N THR A 592 4.36 -23.70 -19.32
CA THR A 592 3.19 -24.26 -18.64
C THR A 592 2.00 -23.31 -18.75
N MET A 593 2.26 -22.04 -18.50
CA MET A 593 1.25 -20.98 -18.57
C MET A 593 0.66 -20.90 -19.98
N VAL A 594 1.53 -20.80 -20.99
CA VAL A 594 1.10 -20.71 -22.39
C VAL A 594 0.36 -21.95 -22.87
N ALA A 595 0.78 -23.13 -22.43
CA ALA A 595 0.13 -24.38 -22.82
C ALA A 595 -1.30 -24.37 -22.33
N ALA A 596 -1.53 -23.85 -21.12
CA ALA A 596 -2.89 -23.77 -20.58
C ALA A 596 -3.74 -22.78 -21.39
N LEU A 597 -3.18 -21.62 -21.72
CA LEU A 597 -3.92 -20.62 -22.50
C LEU A 597 -4.31 -21.17 -23.89
N GLN A 598 -3.38 -21.86 -24.52
CA GLN A 598 -3.59 -22.47 -25.84
C GLN A 598 -4.76 -23.45 -25.84
N ALA A 599 -4.86 -24.25 -24.78
CA ALA A 599 -5.91 -25.25 -24.65
C ALA A 599 -7.23 -24.69 -24.13
N GLY A 600 -7.31 -23.38 -23.98
CA GLY A 600 -8.52 -22.74 -23.47
C GLY A 600 -8.81 -22.98 -21.99
N GLN A 601 -7.76 -23.23 -21.20
CA GLN A 601 -7.94 -23.43 -19.76
C GLN A 601 -7.40 -22.23 -18.98
N VAL A 602 -7.90 -22.03 -17.75
CA VAL A 602 -7.38 -20.93 -16.93
C VAL A 602 -6.08 -21.44 -16.29
N PRO A 603 -4.98 -20.68 -16.41
CA PRO A 603 -3.76 -21.18 -15.77
C PRO A 603 -3.91 -21.14 -14.25
N THR A 604 -3.19 -22.02 -13.56
CA THR A 604 -3.23 -22.05 -12.11
C THR A 604 -1.80 -21.96 -11.59
N GLN A 605 -1.65 -21.51 -10.35
CA GLN A 605 -0.34 -21.41 -9.73
C GLN A 605 -0.46 -21.70 -8.23
N ARG A 606 0.66 -22.06 -7.62
CA ARG A 606 0.76 -22.31 -6.19
C ARG A 606 1.76 -21.24 -5.81
N LEU A 607 1.28 -20.18 -5.20
CA LEU A 607 2.11 -19.03 -4.88
C LEU A 607 2.50 -18.81 -3.43
N HIS A 608 3.72 -18.32 -3.24
CA HIS A 608 4.23 -18.02 -1.91
C HIS A 608 4.54 -16.52 -1.84
N ARG A 609 3.50 -15.72 -1.60
CA ARG A 609 3.64 -14.26 -1.48
C ARG A 609 4.22 -13.92 -0.11
N PHE A 610 5.25 -13.06 -0.09
CA PHE A 610 5.91 -12.70 1.16
C PHE A 610 4.98 -12.11 2.20
N TRP A 611 4.11 -11.19 1.77
CA TRP A 611 3.17 -10.59 2.69
C TRP A 611 2.18 -11.60 3.28
N ALA A 612 1.73 -12.56 2.46
CA ALA A 612 0.80 -13.59 2.91
C ALA A 612 1.44 -14.53 3.92
N GLN A 613 2.69 -14.95 3.67
CA GLN A 613 3.38 -15.84 4.61
C GLN A 613 3.67 -15.14 5.93
N SER A 614 4.06 -13.87 5.87
CA SER A 614 4.31 -13.10 7.10
C SER A 614 3.00 -12.87 7.86
N GLU A 615 1.92 -12.64 7.10
CA GLU A 615 0.60 -12.41 7.67
C GLU A 615 0.18 -13.61 8.51
N PHE A 616 0.37 -14.81 7.97
CA PHE A 616 0.04 -16.06 8.67
C PHE A 616 0.94 -16.25 9.89
N ALA A 617 2.22 -15.90 9.77
CA ALA A 617 3.14 -16.03 10.89
C ALA A 617 2.71 -15.10 12.03
N VAL A 618 2.49 -13.82 11.69
CA VAL A 618 2.07 -12.83 12.69
C VAL A 618 0.71 -13.18 13.33
N ALA A 619 -0.25 -13.68 12.53
CA ALA A 619 -1.57 -14.08 13.01
C ALA A 619 -1.44 -15.17 14.10
N ASN A 620 -0.49 -16.10 13.95
CA ASN A 620 -0.26 -17.15 14.95
C ASN A 620 0.34 -16.54 16.23
N GLY A 621 1.25 -15.59 16.08
CA GLY A 621 1.88 -14.96 17.24
C GLY A 621 0.93 -14.12 18.06
N VAL A 622 0.04 -13.40 17.37
CA VAL A 622 -0.98 -12.56 17.97
C VAL A 622 -1.90 -13.46 18.82
N TYR A 623 -2.27 -14.61 18.26
CA TYR A 623 -3.13 -15.56 18.97
C TYR A 623 -2.42 -16.14 20.19
N ALA A 624 -1.14 -16.51 20.05
CA ALA A 624 -0.35 -17.05 21.16
C ALA A 624 -0.26 -16.08 22.33
N ILE A 625 -0.13 -14.79 22.02
CA ILE A 625 -0.02 -13.74 23.04
C ILE A 625 -1.35 -13.34 23.68
N LEU A 626 -2.42 -13.27 22.89
CA LEU A 626 -3.73 -12.87 23.40
C LEU A 626 -4.58 -13.97 24.06
N PHE A 627 -4.30 -15.23 23.72
CA PHE A 627 -5.02 -16.35 24.28
C PHE A 627 -4.01 -17.43 24.72
N PRO A 628 -3.22 -17.12 25.76
CA PRO A 628 -2.19 -18.00 26.30
C PRO A 628 -2.59 -19.35 26.87
N ASP A 629 -3.87 -19.55 27.16
CA ASP A 629 -4.32 -20.81 27.72
C ASP A 629 -4.93 -21.76 26.71
#